data_2M1J
#
_entry.id   2M1J
#
_entity_poly.entity_id   1
_entity_poly.type   'polypeptide(L)'
_entity_poly.pdbx_seq_one_letter_code
;MRKHLGGCWLAIVCVLLFSQLSSVKARGIK
;
_entity_poly.pdbx_strand_id   A
#
# COMPACT_ATOMS: atom_id res chain seq x y z
N MET A 1 19.99 8.03 -7.77
CA MET A 1 18.94 8.62 -8.62
C MET A 1 17.59 7.96 -8.32
N ARG A 2 16.55 8.76 -8.08
CA ARG A 2 15.23 8.33 -7.55
C ARG A 2 14.62 7.09 -8.22
N LYS A 3 14.29 6.08 -7.41
CA LYS A 3 13.70 4.78 -7.83
C LYS A 3 12.17 4.72 -7.88
N HIS A 4 11.47 5.73 -7.39
CA HIS A 4 9.99 5.81 -7.39
C HIS A 4 9.45 6.52 -8.64
N LEU A 5 8.24 6.15 -9.08
CA LEU A 5 7.69 6.54 -10.39
C LEU A 5 6.14 6.52 -10.41
N GLY A 6 5.53 6.06 -11.51
CA GLY A 6 4.09 5.88 -11.72
C GLY A 6 3.94 4.72 -12.70
N GLY A 7 3.55 3.56 -12.20
CA GLY A 7 3.76 2.28 -12.88
C GLY A 7 3.37 1.10 -11.99
N CYS A 8 3.98 -0.07 -12.21
CA CYS A 8 3.95 -1.20 -11.27
C CYS A 8 4.43 -0.88 -9.85
N TRP A 9 5.20 0.20 -9.66
CA TRP A 9 5.59 0.73 -8.37
C TRP A 9 4.41 1.02 -7.43
N LEU A 10 3.28 1.46 -8.00
CA LEU A 10 2.06 1.74 -7.25
C LEU A 10 1.47 0.47 -6.60
N ALA A 11 1.79 -0.73 -7.07
CA ALA A 11 1.35 -1.99 -6.47
C ALA A 11 1.92 -2.21 -5.04
N ILE A 12 3.06 -1.58 -4.70
CA ILE A 12 3.63 -1.58 -3.34
C ILE A 12 2.89 -0.59 -2.42
N VAL A 13 2.50 0.57 -2.97
CA VAL A 13 1.74 1.63 -2.28
C VAL A 13 0.29 1.26 -2.03
N CYS A 14 -0.40 0.75 -3.04
CA CYS A 14 -1.83 0.39 -3.00
C CYS A 14 -2.20 -0.53 -1.85
N VAL A 15 -1.50 -1.65 -1.74
CA VAL A 15 -1.78 -2.65 -0.70
C VAL A 15 -1.52 -2.14 0.71
N LEU A 16 -0.49 -1.31 0.89
CA LEU A 16 -0.24 -0.60 2.14
C LEU A 16 -1.41 0.35 2.42
N LEU A 17 -1.84 1.11 1.40
CA LEU A 17 -2.81 2.19 1.57
C LEU A 17 -4.23 1.69 1.89
N PHE A 18 -4.58 0.45 1.50
CA PHE A 18 -5.80 -0.19 1.99
C PHE A 18 -5.65 -1.03 3.28
N SER A 19 -4.49 -1.68 3.45
CA SER A 19 -4.16 -2.45 4.66
C SER A 19 -4.30 -1.60 5.93
N GLN A 20 -3.75 -0.40 5.90
CA GLN A 20 -3.73 0.54 7.02
C GLN A 20 -5.15 1.07 7.33
N LEU A 21 -5.86 1.47 6.27
CA LEU A 21 -7.28 1.82 6.22
C LEU A 21 -8.21 0.75 6.84
N SER A 22 -7.86 -0.52 6.70
CA SER A 22 -8.65 -1.66 7.15
C SER A 22 -8.39 -2.02 8.63
N SER A 23 -7.13 -1.93 9.07
CA SER A 23 -6.65 -2.59 10.31
C SER A 23 -7.26 -2.07 11.61
N VAL A 24 -7.95 -0.92 11.58
CA VAL A 24 -8.64 -0.32 12.70
C VAL A 24 -9.90 -1.06 13.14
N LYS A 25 -10.69 -1.48 12.16
CA LYS A 25 -11.98 -2.18 12.32
C LYS A 25 -11.89 -3.68 12.05
N ALA A 26 -10.76 -4.10 11.48
CA ALA A 26 -10.57 -5.41 10.84
C ALA A 26 -9.09 -5.82 10.89
N ARG A 27 -8.68 -6.90 10.20
CA ARG A 27 -7.28 -7.36 10.20
C ARG A 27 -6.36 -6.41 9.43
N GLY A 28 -6.67 -6.14 8.15
CA GLY A 28 -6.01 -5.08 7.35
C GLY A 28 -4.52 -5.36 7.11
N ILE A 29 -3.65 -4.56 7.76
CA ILE A 29 -2.21 -4.82 7.95
C ILE A 29 -1.95 -6.29 8.31
N LYS A 30 -0.93 -6.90 7.70
CA LYS A 30 -0.73 -8.35 7.72
C LYS A 30 0.70 -8.72 8.07
N MET A 1 18.11 10.47 -10.49
CA MET A 1 18.10 9.02 -10.23
C MET A 1 17.07 8.68 -9.17
N ARG A 2 16.17 7.71 -9.43
CA ARG A 2 15.11 7.25 -8.50
C ARG A 2 14.81 5.75 -8.68
N LYS A 3 14.47 5.07 -7.57
CA LYS A 3 13.80 3.75 -7.57
C LYS A 3 12.27 3.83 -7.69
N HIS A 4 11.72 5.04 -7.59
CA HIS A 4 10.29 5.35 -7.62
C HIS A 4 9.84 5.91 -8.98
N LEU A 5 8.56 5.70 -9.28
CA LEU A 5 7.88 6.15 -10.50
C LEU A 5 6.36 6.29 -10.26
N GLY A 6 5.54 6.12 -11.29
CA GLY A 6 4.08 6.30 -11.28
C GLY A 6 3.43 5.21 -12.13
N GLY A 7 3.61 3.97 -11.69
CA GLY A 7 3.35 2.75 -12.45
C GLY A 7 3.30 1.53 -11.51
N CYS A 8 3.95 0.43 -11.88
CA CYS A 8 4.08 -0.78 -11.03
C CYS A 8 4.59 -0.54 -9.60
N TRP A 9 5.39 0.52 -9.39
CA TRP A 9 5.82 0.95 -8.06
C TRP A 9 4.67 1.20 -7.06
N LEU A 10 3.55 1.72 -7.56
CA LEU A 10 2.38 2.03 -6.74
C LEU A 10 1.73 0.76 -6.13
N ALA A 11 1.94 -0.42 -6.72
CA ALA A 11 1.41 -1.68 -6.20
C ALA A 11 1.97 -2.02 -4.79
N ILE A 12 3.17 -1.54 -4.46
CA ILE A 12 3.77 -1.63 -3.12
C ILE A 12 3.11 -0.63 -2.14
N VAL A 13 2.91 0.61 -2.59
CA VAL A 13 2.28 1.69 -1.79
C VAL A 13 0.80 1.41 -1.48
N CYS A 14 0.06 0.94 -2.47
CA CYS A 14 -1.38 0.62 -2.38
C CYS A 14 -1.71 -0.31 -1.23
N VAL A 15 -1.11 -1.49 -1.19
CA VAL A 15 -1.39 -2.47 -0.12
C VAL A 15 -0.95 -1.99 1.26
N LEU A 16 0.07 -1.13 1.34
CA LEU A 16 0.49 -0.46 2.58
C LEU A 16 -0.45 0.68 3.00
N LEU A 17 -1.35 1.15 2.11
CA LEU A 17 -2.32 2.22 2.36
C LEU A 17 -3.75 1.72 2.58
N PHE A 18 -4.27 0.81 1.74
CA PHE A 18 -5.67 0.39 1.83
C PHE A 18 -5.88 -0.63 2.96
N SER A 19 -4.82 -1.34 3.33
CA SER A 19 -4.76 -2.16 4.55
C SER A 19 -5.11 -1.39 5.82
N GLN A 20 -4.79 -0.09 5.86
CA GLN A 20 -4.93 0.76 7.05
C GLN A 20 -6.40 1.20 7.26
N LEU A 21 -7.05 1.54 6.15
CA LEU A 21 -8.52 1.56 6.01
C LEU A 21 -9.18 0.23 6.40
N SER A 22 -8.62 -0.91 5.96
CA SER A 22 -9.30 -2.20 6.03
C SER A 22 -9.16 -2.89 7.41
N SER A 23 -8.13 -2.53 8.19
CA SER A 23 -7.72 -3.18 9.45
C SER A 23 -8.78 -3.17 10.55
N VAL A 24 -9.84 -2.38 10.40
CA VAL A 24 -10.97 -2.28 11.32
C VAL A 24 -11.94 -3.46 11.23
N LYS A 25 -12.10 -4.03 10.05
CA LYS A 25 -12.97 -5.17 9.75
C LYS A 25 -12.17 -6.43 9.36
N ALA A 26 -10.84 -6.37 9.42
CA ALA A 26 -9.95 -7.41 8.85
C ALA A 26 -8.53 -7.38 9.42
N ARG A 27 -7.67 -8.32 9.00
CA ARG A 27 -6.22 -8.33 9.29
C ARG A 27 -5.50 -7.03 8.92
N GLY A 28 -5.77 -6.49 7.73
CA GLY A 28 -5.32 -5.18 7.27
C GLY A 28 -3.81 -4.94 7.43
N ILE A 29 -3.46 -4.08 8.39
CA ILE A 29 -2.10 -3.62 8.69
C ILE A 29 -1.14 -4.78 9.02
N LYS A 30 0.14 -4.65 8.63
CA LYS A 30 1.27 -5.56 8.91
C LYS A 30 1.15 -6.92 8.22
N MET A 1 19.55 6.51 -11.86
CA MET A 1 18.10 6.40 -12.14
C MET A 1 17.32 6.38 -10.83
N ARG A 2 16.21 7.13 -10.74
CA ARG A 2 15.24 7.01 -9.63
C ARG A 2 14.63 5.60 -9.55
N LYS A 3 14.60 4.99 -8.36
CA LYS A 3 13.97 3.66 -8.16
C LYS A 3 12.44 3.65 -8.25
N HIS A 4 11.82 4.82 -8.26
CA HIS A 4 10.37 5.01 -8.14
C HIS A 4 9.83 5.85 -9.32
N LEU A 5 8.51 5.74 -9.57
CA LEU A 5 7.83 6.35 -10.73
C LEU A 5 6.32 6.51 -10.45
N GLY A 6 5.46 6.33 -11.47
CA GLY A 6 4.02 6.58 -11.43
C GLY A 6 3.30 5.54 -12.27
N GLY A 7 3.33 4.29 -11.81
CA GLY A 7 2.97 3.10 -12.57
C GLY A 7 2.86 1.88 -11.64
N CYS A 8 3.19 0.68 -12.14
CA CYS A 8 3.26 -0.54 -11.32
C CYS A 8 4.21 -0.49 -10.12
N TRP A 9 5.06 0.52 -10.00
CA TRP A 9 5.74 0.81 -8.74
C TRP A 9 4.76 1.00 -7.56
N LEU A 10 3.64 1.71 -7.80
CA LEU A 10 2.63 1.92 -6.79
C LEU A 10 1.90 0.64 -6.36
N ALA A 11 2.05 -0.50 -7.05
CA ALA A 11 1.55 -1.79 -6.56
C ALA A 11 2.19 -2.23 -5.23
N ILE A 12 3.35 -1.66 -4.87
CA ILE A 12 4.02 -1.85 -3.56
C ILE A 12 3.41 -0.94 -2.47
N VAL A 13 3.04 0.29 -2.84
CA VAL A 13 2.38 1.27 -1.95
C VAL A 13 0.89 0.99 -1.73
N CYS A 14 0.19 0.50 -2.76
CA CYS A 14 -1.24 0.21 -2.77
C CYS A 14 -1.70 -0.67 -1.61
N VAL A 15 -1.02 -1.78 -1.39
CA VAL A 15 -1.38 -2.74 -0.33
C VAL A 15 -1.18 -2.17 1.07
N LEU A 16 -0.20 -1.28 1.27
CA LEU A 16 -0.07 -0.47 2.48
C LEU A 16 -1.20 0.57 2.61
N LEU A 17 -1.76 1.07 1.50
CA LEU A 17 -2.78 2.13 1.49
C LEU A 17 -4.22 1.60 1.61
N PHE A 18 -4.57 0.45 1.01
CA PHE A 18 -5.94 -0.10 1.16
C PHE A 18 -6.16 -0.80 2.49
N SER A 19 -5.16 -1.54 2.97
CA SER A 19 -5.17 -2.28 4.25
C SER A 19 -5.46 -1.44 5.50
N GLN A 20 -5.48 -0.13 5.35
CA GLN A 20 -5.87 0.86 6.34
C GLN A 20 -7.39 0.81 6.61
N LEU A 21 -8.20 0.68 5.56
CA LEU A 21 -9.68 0.48 5.61
C LEU A 21 -10.10 -0.80 6.35
N SER A 22 -9.18 -1.75 6.49
CA SER A 22 -9.31 -2.96 7.30
C SER A 22 -8.93 -2.72 8.77
N SER A 23 -7.88 -1.93 9.00
CA SER A 23 -7.15 -1.81 10.28
C SER A 23 -7.96 -1.31 11.48
N VAL A 24 -9.16 -0.75 11.26
CA VAL A 24 -10.07 -0.25 12.28
C VAL A 24 -11.03 -1.32 12.79
N LYS A 25 -11.54 -2.16 11.88
CA LYS A 25 -12.47 -3.26 12.16
C LYS A 25 -11.77 -4.62 12.32
N ALA A 26 -10.47 -4.64 12.08
CA ALA A 26 -9.63 -5.82 11.93
C ALA A 26 -8.13 -5.49 12.09
N ARG A 27 -7.24 -6.41 11.70
CA ARG A 27 -5.78 -6.22 11.75
C ARG A 27 -5.27 -5.31 10.63
N GLY A 28 -5.74 -5.53 9.39
CA GLY A 28 -5.42 -4.67 8.24
C GLY A 28 -3.93 -4.68 7.89
N ILE A 29 -3.31 -3.49 7.84
CA ILE A 29 -1.87 -3.28 7.61
C ILE A 29 -0.96 -4.09 8.54
N LYS A 30 0.27 -4.38 8.10
CA LYS A 30 1.30 -5.07 8.89
C LYS A 30 1.62 -4.34 10.18
N MET A 1 19.18 7.53 -13.08
CA MET A 1 17.88 6.86 -13.13
C MET A 1 17.36 6.61 -11.71
N ARG A 2 16.06 6.87 -11.47
CA ARG A 2 15.34 6.57 -10.23
C ARG A 2 14.89 5.10 -10.15
N LYS A 3 14.83 4.55 -8.95
CA LYS A 3 14.16 3.27 -8.62
C LYS A 3 12.63 3.42 -8.50
N HIS A 4 12.17 4.65 -8.30
CA HIS A 4 10.77 5.04 -8.13
C HIS A 4 10.18 5.79 -9.34
N LEU A 5 8.85 5.69 -9.48
CA LEU A 5 8.05 6.21 -10.59
C LEU A 5 6.55 6.25 -10.18
N GLY A 6 5.60 5.87 -11.03
CA GLY A 6 4.16 5.97 -10.75
C GLY A 6 3.26 4.86 -11.30
N GLY A 7 3.82 3.92 -12.06
CA GLY A 7 3.06 2.82 -12.70
C GLY A 7 2.93 1.58 -11.81
N CYS A 8 3.46 0.45 -12.27
CA CYS A 8 3.54 -0.80 -11.50
C CYS A 8 4.24 -0.68 -10.13
N TRP A 9 5.14 0.28 -9.94
CA TRP A 9 5.69 0.65 -8.63
C TRP A 9 4.61 0.98 -7.58
N LEU A 10 3.55 1.69 -8.00
CA LEU A 10 2.52 2.20 -7.12
C LEU A 10 1.63 1.10 -6.56
N ALA A 11 1.60 -0.09 -7.18
CA ALA A 11 0.98 -1.29 -6.63
C ALA A 11 1.53 -1.67 -5.25
N ILE A 12 2.79 -1.30 -4.95
CA ILE A 12 3.42 -1.57 -3.65
C ILE A 12 2.93 -0.58 -2.58
N VAL A 13 2.73 0.69 -2.96
CA VAL A 13 2.11 1.72 -2.10
C VAL A 13 0.61 1.48 -1.86
N CYS A 14 -0.09 0.94 -2.87
CA CYS A 14 -1.52 0.63 -2.81
C CYS A 14 -1.92 -0.29 -1.66
N VAL A 15 -1.25 -1.42 -1.51
CA VAL A 15 -1.61 -2.41 -0.50
C VAL A 15 -1.34 -1.94 0.92
N LEU A 16 -0.32 -1.11 1.13
CA LEU A 16 -0.14 -0.37 2.37
C LEU A 16 -1.36 0.54 2.58
N LEU A 17 -1.75 1.30 1.56
CA LEU A 17 -2.76 2.35 1.71
C LEU A 17 -4.18 1.82 1.98
N PHE A 18 -4.52 0.60 1.54
CA PHE A 18 -5.77 -0.06 1.93
C PHE A 18 -5.71 -0.93 3.19
N SER A 19 -4.59 -1.60 3.44
CA SER A 19 -4.38 -2.38 4.67
C SER A 19 -4.57 -1.54 5.93
N GLN A 20 -4.15 -0.28 5.88
CA GLN A 20 -4.30 0.71 6.95
C GLN A 20 -5.77 1.07 7.20
N LEU A 21 -6.52 1.30 6.12
CA LEU A 21 -7.99 1.48 6.10
C LEU A 21 -8.75 0.29 6.70
N SER A 22 -8.25 -0.94 6.54
CA SER A 22 -8.92 -2.16 6.98
C SER A 22 -8.72 -2.43 8.48
N SER A 23 -7.54 -2.09 9.02
CA SER A 23 -7.09 -2.50 10.36
C SER A 23 -7.92 -1.92 11.52
N VAL A 24 -8.88 -1.04 11.24
CA VAL A 24 -9.80 -0.48 12.22
C VAL A 24 -10.85 -1.45 12.73
N LYS A 25 -11.44 -2.24 11.84
CA LYS A 25 -12.50 -3.20 12.15
C LYS A 25 -12.03 -4.66 12.04
N ALA A 26 -10.77 -4.84 11.65
CA ALA A 26 -10.24 -6.12 11.13
C ALA A 26 -8.70 -6.20 11.28
N ARG A 27 -8.04 -7.22 10.70
CA ARG A 27 -6.57 -7.33 10.68
C ARG A 27 -5.94 -6.22 9.83
N GLY A 28 -6.31 -6.09 8.55
CA GLY A 28 -5.81 -5.05 7.65
C GLY A 28 -4.29 -5.14 7.45
N ILE A 29 -3.56 -4.21 8.07
CA ILE A 29 -2.10 -4.17 8.27
C ILE A 29 -1.51 -5.57 8.55
N LYS A 30 -0.51 -5.98 7.76
CA LYS A 30 0.18 -7.28 7.84
C LYS A 30 1.55 -7.15 8.51
N MET A 1 20.16 3.47 -5.21
CA MET A 1 19.17 3.37 -6.30
C MET A 1 17.77 3.32 -5.72
N ARG A 2 16.99 4.41 -5.89
CA ARG A 2 15.57 4.48 -5.49
C ARG A 2 14.66 3.95 -6.61
N LYS A 3 13.87 2.93 -6.28
CA LYS A 3 13.11 2.08 -7.22
C LYS A 3 11.67 2.55 -7.48
N HIS A 4 11.39 3.85 -7.30
CA HIS A 4 10.02 4.39 -7.23
C HIS A 4 9.69 5.31 -8.41
N LEU A 5 8.47 5.16 -8.94
CA LEU A 5 7.95 5.76 -10.17
C LEU A 5 6.41 5.85 -10.08
N GLY A 6 5.65 5.59 -11.15
CA GLY A 6 4.18 5.75 -11.16
C GLY A 6 3.38 4.59 -11.74
N GLY A 7 4.04 3.61 -12.38
CA GLY A 7 3.44 2.42 -12.97
C GLY A 7 3.13 1.32 -11.95
N CYS A 8 3.36 0.07 -12.33
CA CYS A 8 3.24 -1.12 -11.45
C CYS A 8 4.00 -1.06 -10.11
N TRP A 9 4.95 -0.14 -9.94
CA TRP A 9 5.48 0.21 -8.62
C TRP A 9 4.38 0.61 -7.62
N LEU A 10 3.39 1.40 -8.06
CA LEU A 10 2.36 2.00 -7.22
C LEU A 10 1.37 0.98 -6.64
N ALA A 11 1.33 -0.24 -7.20
CA ALA A 11 0.66 -1.40 -6.59
C ALA A 11 1.25 -1.77 -5.21
N ILE A 12 2.51 -1.42 -4.93
CA ILE A 12 3.15 -1.62 -3.61
C ILE A 12 2.67 -0.54 -2.61
N VAL A 13 2.48 0.69 -3.08
CA VAL A 13 1.89 1.79 -2.29
C VAL A 13 0.41 1.52 -1.98
N CYS A 14 -0.36 0.99 -2.94
CA CYS A 14 -1.76 0.61 -2.77
C CYS A 14 -1.99 -0.31 -1.56
N VAL A 15 -1.27 -1.41 -1.50
CA VAL A 15 -1.45 -2.41 -0.43
C VAL A 15 -0.97 -1.96 0.94
N LEU A 16 -0.06 -1.00 1.01
CA LEU A 16 0.13 -0.24 2.24
C LEU A 16 -1.11 0.61 2.52
N LEU A 17 -1.58 1.38 1.55
CA LEU A 17 -2.55 2.46 1.78
C LEU A 17 -3.94 1.97 2.19
N PHE A 18 -4.42 0.85 1.63
CA PHE A 18 -5.75 0.34 1.98
C PHE A 18 -5.70 -0.51 3.25
N SER A 19 -4.59 -1.21 3.50
CA SER A 19 -4.39 -2.02 4.70
C SER A 19 -4.49 -1.21 5.99
N GLN A 20 -3.99 0.03 5.96
CA GLN A 20 -4.03 0.99 7.08
C GLN A 20 -5.47 1.42 7.38
N LEU A 21 -6.22 1.78 6.33
CA LEU A 21 -7.68 2.00 6.33
C LEU A 21 -8.47 0.78 6.86
N SER A 22 -8.00 -0.44 6.58
CA SER A 22 -8.77 -1.66 6.81
C SER A 22 -8.54 -2.29 8.19
N SER A 23 -7.41 -2.01 8.84
CA SER A 23 -6.99 -2.64 10.11
C SER A 23 -7.93 -2.38 11.31
N VAL A 24 -8.93 -1.50 11.13
CA VAL A 24 -10.02 -1.23 12.07
C VAL A 24 -11.15 -2.25 12.01
N LYS A 25 -11.45 -2.76 10.81
CA LYS A 25 -12.49 -3.74 10.50
C LYS A 25 -11.93 -5.14 10.18
N ALA A 26 -10.62 -5.31 10.27
CA ALA A 26 -9.87 -6.51 9.83
C ALA A 26 -8.44 -6.53 10.43
N ARG A 27 -7.61 -7.53 10.10
CA ARG A 27 -6.17 -7.48 10.43
C ARG A 27 -5.48 -6.28 9.75
N GLY A 28 -5.65 -6.14 8.43
CA GLY A 28 -5.18 -5.03 7.61
C GLY A 28 -3.66 -4.91 7.58
N ILE A 29 -3.13 -4.02 8.43
CA ILE A 29 -1.70 -3.75 8.62
C ILE A 29 -0.89 -5.03 8.84
N LYS A 30 0.32 -5.05 8.29
CA LYS A 30 1.29 -6.15 8.40
C LYS A 30 1.97 -6.20 9.78
N MET A 1 17.09 2.52 -14.22
CA MET A 1 15.65 2.59 -13.91
C MET A 1 15.37 3.61 -12.80
N ARG A 2 14.44 4.54 -13.04
CA ARG A 2 13.96 5.56 -12.07
C ARG A 2 13.48 4.92 -10.76
N LYS A 3 13.70 5.57 -9.62
CA LYS A 3 13.23 5.15 -8.29
C LYS A 3 11.83 5.71 -8.01
N HIS A 4 10.90 4.85 -7.58
CA HIS A 4 9.55 5.18 -7.12
C HIS A 4 8.69 5.94 -8.15
N LEU A 5 8.51 5.31 -9.31
CA LEU A 5 7.71 5.76 -10.46
C LEU A 5 6.17 5.73 -10.21
N GLY A 6 5.36 5.27 -11.17
CA GLY A 6 3.90 5.21 -11.12
C GLY A 6 3.26 3.99 -11.77
N GLY A 7 4.09 3.04 -12.25
CA GLY A 7 3.68 1.75 -12.80
C GLY A 7 3.45 0.70 -11.71
N CYS A 8 3.91 -0.52 -11.94
CA CYS A 8 3.84 -1.64 -10.98
C CYS A 8 4.42 -1.35 -9.58
N TRP A 9 5.29 -0.33 -9.46
CA TRP A 9 5.72 0.21 -8.18
C TRP A 9 4.57 0.68 -7.27
N LEU A 10 3.57 1.36 -7.84
CA LEU A 10 2.49 2.01 -7.12
C LEU A 10 1.56 1.01 -6.41
N ALA A 11 1.56 -0.25 -6.85
CA ALA A 11 0.89 -1.36 -6.15
C ALA A 11 1.48 -1.64 -4.75
N ILE A 12 2.72 -1.21 -4.46
CA ILE A 12 3.32 -1.27 -3.10
C ILE A 12 2.74 -0.17 -2.22
N VAL A 13 2.57 1.02 -2.77
CA VAL A 13 1.92 2.18 -2.13
C VAL A 13 0.43 1.92 -1.87
N CYS A 14 -0.24 1.24 -2.80
CA CYS A 14 -1.63 0.80 -2.67
C CYS A 14 -1.90 0.00 -1.40
N VAL A 15 -1.21 -1.11 -1.18
CA VAL A 15 -1.47 -1.93 0.00
C VAL A 15 -1.10 -1.20 1.30
N LEU A 16 -0.09 -0.33 1.25
CA LEU A 16 0.27 0.56 2.37
C LEU A 16 -0.82 1.62 2.62
N LEU A 17 -1.69 1.90 1.65
CA LEU A 17 -2.84 2.80 1.76
C LEU A 17 -4.16 2.09 2.10
N PHE A 18 -4.46 0.89 1.58
CA PHE A 18 -5.76 0.24 1.79
C PHE A 18 -5.76 -0.71 2.98
N SER A 19 -4.71 -1.52 3.16
CA SER A 19 -4.67 -2.49 4.25
C SER A 19 -4.44 -1.84 5.62
N GLN A 20 -3.95 -0.60 5.62
CA GLN A 20 -3.94 0.28 6.79
C GLN A 20 -5.34 0.87 7.11
N LEU A 21 -6.06 1.35 6.08
CA LEU A 21 -7.49 1.73 6.13
C LEU A 21 -8.40 0.63 6.70
N SER A 22 -8.02 -0.63 6.50
CA SER A 22 -8.71 -1.82 7.02
C SER A 22 -8.38 -2.05 8.51
N SER A 23 -7.10 -1.93 8.87
CA SER A 23 -6.50 -2.43 10.12
C SER A 23 -7.13 -2.00 11.46
N VAL A 24 -7.97 -0.96 11.45
CA VAL A 24 -8.58 -0.34 12.63
C VAL A 24 -9.89 -0.99 13.08
N LYS A 25 -10.61 -1.58 12.14
CA LYS A 25 -11.86 -2.31 12.38
C LYS A 25 -11.82 -3.74 11.80
N ALA A 26 -10.65 -4.15 11.31
CA ALA A 26 -10.46 -5.37 10.52
C ALA A 26 -9.00 -5.87 10.55
N ARG A 27 -8.72 -7.02 9.92
CA ARG A 27 -7.39 -7.64 9.87
C ARG A 27 -6.38 -6.76 9.13
N GLY A 28 -6.70 -6.34 7.91
CA GLY A 28 -5.91 -5.37 7.15
C GLY A 28 -4.49 -5.87 6.86
N ILE A 29 -3.49 -5.05 7.16
CA ILE A 29 -2.06 -5.37 7.05
C ILE A 29 -1.64 -6.66 7.76
N LYS A 30 -0.66 -7.34 7.15
CA LYS A 30 -0.09 -8.63 7.57
C LYS A 30 1.09 -8.51 8.52
N MET A 1 20.00 9.29 -7.59
CA MET A 1 18.92 9.70 -8.53
C MET A 1 17.58 9.11 -8.08
N ARG A 2 16.45 9.78 -8.40
CA ARG A 2 15.08 9.35 -8.06
C ARG A 2 14.83 7.86 -8.35
N LYS A 3 14.57 7.10 -7.29
CA LYS A 3 14.54 5.62 -7.31
C LYS A 3 13.30 4.97 -7.93
N HIS A 4 12.16 5.64 -7.78
CA HIS A 4 10.82 5.12 -8.08
C HIS A 4 10.14 5.81 -9.27
N LEU A 5 8.97 5.28 -9.67
CA LEU A 5 8.33 5.46 -10.98
C LEU A 5 6.79 5.59 -10.84
N GLY A 6 5.95 5.12 -11.78
CA GLY A 6 4.55 5.55 -11.91
C GLY A 6 3.72 4.53 -12.67
N GLY A 7 3.58 3.34 -12.11
CA GLY A 7 2.97 2.19 -12.76
C GLY A 7 2.77 1.00 -11.80
N CYS A 8 3.24 -0.19 -12.21
CA CYS A 8 3.33 -1.40 -11.39
C CYS A 8 3.98 -1.20 -10.00
N TRP A 9 4.89 -0.24 -9.85
CA TRP A 9 5.47 0.12 -8.55
C TRP A 9 4.43 0.58 -7.51
N LEU A 10 3.43 1.37 -7.92
CA LEU A 10 2.44 1.94 -6.99
C LEU A 10 1.52 0.89 -6.39
N ALA A 11 1.47 -0.33 -6.95
CA ALA A 11 0.77 -1.47 -6.34
C ALA A 11 1.23 -1.71 -4.89
N ILE A 12 2.52 -1.51 -4.61
CA ILE A 12 3.13 -1.66 -3.27
C ILE A 12 2.64 -0.57 -2.31
N VAL A 13 2.60 0.69 -2.76
CA VAL A 13 2.07 1.81 -1.97
C VAL A 13 0.57 1.63 -1.69
N CYS A 14 -0.18 1.16 -2.68
CA CYS A 14 -1.60 0.88 -2.61
C CYS A 14 -1.99 -0.16 -1.57
N VAL A 15 -1.35 -1.33 -1.58
CA VAL A 15 -1.70 -2.42 -0.66
C VAL A 15 -1.36 -2.10 0.79
N LEU A 16 -0.29 -1.33 1.02
CA LEU A 16 -0.01 -0.72 2.32
C LEU A 16 -1.15 0.24 2.67
N LEU A 17 -1.59 1.09 1.73
CA LEU A 17 -2.61 2.09 2.01
C LEU A 17 -3.97 1.47 2.38
N PHE A 18 -4.42 0.42 1.69
CA PHE A 18 -5.72 -0.20 1.99
C PHE A 18 -5.70 -1.19 3.17
N SER A 19 -4.54 -1.80 3.42
CA SER A 19 -4.29 -2.59 4.62
C SER A 19 -4.43 -1.75 5.89
N GLN A 20 -3.82 -0.57 5.88
CA GLN A 20 -3.79 0.36 7.02
C GLN A 20 -5.16 1.04 7.24
N LEU A 21 -5.86 1.36 6.16
CA LEU A 21 -7.28 1.76 6.13
C LEU A 21 -8.22 0.71 6.76
N SER A 22 -7.89 -0.58 6.66
CA SER A 22 -8.75 -1.67 7.12
C SER A 22 -8.51 -2.00 8.61
N SER A 23 -7.24 -1.99 9.06
CA SER A 23 -6.84 -2.57 10.35
C SER A 23 -7.46 -1.90 11.59
N VAL A 24 -8.04 -0.70 11.43
CA VAL A 24 -8.69 0.03 12.51
C VAL A 24 -10.00 -0.57 13.01
N LYS A 25 -10.65 -1.32 12.13
CA LYS A 25 -11.92 -2.03 12.34
C LYS A 25 -11.82 -3.53 12.03
N ALA A 26 -10.62 -3.99 11.68
CA ALA A 26 -10.41 -5.34 11.11
C ALA A 26 -8.95 -5.83 11.28
N ARG A 27 -8.62 -6.99 10.68
CA ARG A 27 -7.22 -7.38 10.43
C ARG A 27 -6.48 -6.38 9.54
N GLY A 28 -6.94 -6.16 8.30
CA GLY A 28 -6.27 -5.22 7.38
C GLY A 28 -4.84 -5.68 7.06
N ILE A 29 -3.86 -4.97 7.61
CA ILE A 29 -2.44 -5.35 7.71
C ILE A 29 -2.28 -6.82 8.17
N LYS A 30 -1.67 -7.65 7.31
CA LYS A 30 -1.55 -9.11 7.48
C LYS A 30 -0.29 -9.64 6.82
N MET A 1 17.53 10.48 -7.94
CA MET A 1 16.59 10.84 -6.86
C MET A 1 16.20 9.61 -6.05
N ARG A 2 15.30 8.78 -6.60
CA ARG A 2 14.82 7.51 -6.03
C ARG A 2 14.43 6.54 -7.16
N LYS A 3 14.32 5.24 -6.84
CA LYS A 3 13.94 4.15 -7.77
C LYS A 3 12.47 4.17 -8.24
N HIS A 4 11.63 4.88 -7.49
CA HIS A 4 10.16 4.92 -7.61
C HIS A 4 9.65 5.67 -8.85
N LEU A 5 8.37 5.42 -9.22
CA LEU A 5 7.71 5.95 -10.41
C LEU A 5 6.18 6.11 -10.21
N GLY A 6 5.36 5.98 -11.26
CA GLY A 6 3.93 6.31 -11.29
C GLY A 6 3.08 5.27 -12.01
N GLY A 7 3.44 3.99 -11.83
CA GLY A 7 3.01 2.85 -12.65
C GLY A 7 2.87 1.59 -11.80
N CYS A 8 3.38 0.45 -12.25
CA CYS A 8 3.42 -0.80 -11.50
C CYS A 8 4.02 -0.69 -10.09
N TRP A 9 4.91 0.28 -9.84
CA TRP A 9 5.40 0.59 -8.50
C TRP A 9 4.30 0.91 -7.49
N LEU A 10 3.26 1.65 -7.93
CA LEU A 10 2.15 2.05 -7.09
C LEU A 10 1.37 0.85 -6.54
N ALA A 11 1.47 -0.34 -7.14
CA ALA A 11 0.90 -1.57 -6.59
C ALA A 11 1.47 -1.94 -5.19
N ILE A 12 2.69 -1.50 -4.85
CA ILE A 12 3.31 -1.67 -3.52
C ILE A 12 2.80 -0.61 -2.51
N VAL A 13 2.51 0.60 -2.98
CA VAL A 13 1.91 1.67 -2.15
C VAL A 13 0.41 1.48 -1.91
N CYS A 14 -0.29 0.96 -2.91
CA CYS A 14 -1.70 0.57 -2.86
C CYS A 14 -2.02 -0.43 -1.75
N VAL A 15 -1.25 -1.49 -1.63
CA VAL A 15 -1.50 -2.53 -0.63
C VAL A 15 -1.22 -2.05 0.78
N LEU A 16 -0.28 -1.13 0.97
CA LEU A 16 -0.16 -0.37 2.20
C LEU A 16 -1.45 0.42 2.42
N LEU A 17 -1.93 1.15 1.40
CA LEU A 17 -3.05 2.10 1.57
C LEU A 17 -4.40 1.42 1.88
N PHE A 18 -4.64 0.20 1.40
CA PHE A 18 -5.82 -0.57 1.80
C PHE A 18 -5.66 -1.38 3.10
N SER A 19 -4.45 -1.87 3.36
CA SER A 19 -4.10 -2.48 4.66
C SER A 19 -4.36 -1.53 5.84
N GLN A 20 -4.13 -0.24 5.64
CA GLN A 20 -4.32 0.83 6.64
C GLN A 20 -5.81 1.18 6.85
N LEU A 21 -6.56 1.23 5.75
CA LEU A 21 -8.04 1.28 5.70
C LEU A 21 -8.68 0.10 6.43
N SER A 22 -8.05 -1.06 6.38
CA SER A 22 -8.53 -2.30 7.01
C SER A 22 -8.22 -2.33 8.50
N SER A 23 -6.98 -1.99 8.88
CA SER A 23 -6.41 -2.29 10.20
C SER A 23 -7.16 -1.72 11.40
N VAL A 24 -7.95 -0.66 11.20
CA VAL A 24 -8.83 -0.10 12.23
C VAL A 24 -10.07 -0.96 12.49
N LYS A 25 -10.77 -1.36 11.43
CA LYS A 25 -12.03 -2.14 11.46
C LYS A 25 -11.81 -3.66 11.50
N ALA A 26 -10.57 -4.09 11.29
CA ALA A 26 -10.20 -5.45 10.87
C ALA A 26 -8.70 -5.74 11.05
N ARG A 27 -8.21 -6.86 10.49
CA ARG A 27 -6.82 -7.33 10.63
C ARG A 27 -5.78 -6.49 9.86
N GLY A 28 -6.07 -6.12 8.61
CA GLY A 28 -5.32 -5.12 7.82
C GLY A 28 -3.80 -5.33 7.70
N ILE A 29 -3.02 -4.29 8.02
CA ILE A 29 -1.54 -4.22 8.05
C ILE A 29 -0.92 -5.56 8.47
N LYS A 30 -0.18 -6.19 7.53
CA LYS A 30 0.11 -7.62 7.52
C LYS A 30 1.12 -8.07 8.57
N MET A 1 16.76 3.28 -15.98
CA MET A 1 15.34 3.15 -15.61
C MET A 1 15.21 2.81 -14.12
N ARG A 2 14.65 3.73 -13.33
CA ARG A 2 14.47 3.63 -11.87
C ARG A 2 13.66 2.40 -11.43
N LYS A 3 13.98 1.86 -10.25
CA LYS A 3 13.30 0.68 -9.66
C LYS A 3 11.92 0.97 -9.08
N HIS A 4 11.73 2.20 -8.63
CA HIS A 4 10.52 2.73 -7.98
C HIS A 4 9.85 3.76 -8.88
N LEU A 5 9.29 3.27 -9.98
CA LEU A 5 8.60 4.04 -11.02
C LEU A 5 7.18 4.50 -10.58
N GLY A 6 6.19 4.46 -11.48
CA GLY A 6 4.79 4.81 -11.22
C GLY A 6 3.77 3.92 -11.95
N GLY A 7 4.23 2.87 -12.64
CA GLY A 7 3.42 1.74 -13.10
C GLY A 7 3.20 0.72 -11.97
N CYS A 8 3.21 -0.59 -12.29
CA CYS A 8 2.94 -1.69 -11.36
C CYS A 8 3.78 -1.77 -10.07
N TRP A 9 4.84 -0.96 -9.95
CA TRP A 9 5.49 -0.72 -8.67
C TRP A 9 4.54 -0.14 -7.60
N LEU A 10 3.70 0.81 -8.01
CA LEU A 10 2.93 1.64 -7.12
C LEU A 10 1.81 0.88 -6.43
N ALA A 11 1.37 -0.25 -6.99
CA ALA A 11 0.49 -1.23 -6.37
C ALA A 11 0.98 -1.71 -4.98
N ILE A 12 2.31 -1.70 -4.75
CA ILE A 12 2.95 -2.18 -3.51
C ILE A 12 2.96 -1.09 -2.41
N VAL A 13 3.02 0.18 -2.81
CA VAL A 13 2.78 1.35 -1.94
C VAL A 13 1.30 1.60 -1.66
N CYS A 14 0.44 1.37 -2.66
CA CYS A 14 -1.01 1.50 -2.57
C CYS A 14 -1.62 0.64 -1.47
N VAL A 15 -1.33 -0.65 -1.44
CA VAL A 15 -1.90 -1.55 -0.45
C VAL A 15 -1.49 -1.20 0.99
N LEU A 16 -0.26 -0.70 1.17
CA LEU A 16 0.21 -0.15 2.44
C LEU A 16 -0.59 1.11 2.85
N LEU A 17 -1.10 1.87 1.88
CA LEU A 17 -1.87 3.10 2.09
C LEU A 17 -3.39 2.87 2.21
N PHE A 18 -3.97 1.83 1.58
CA PHE A 18 -5.39 1.52 1.73
C PHE A 18 -5.75 0.59 2.88
N SER A 19 -4.96 -0.47 3.11
CA SER A 19 -5.26 -1.52 4.11
C SER A 19 -5.18 -1.01 5.57
N GLN A 20 -4.78 0.24 5.75
CA GLN A 20 -4.94 1.08 6.94
C GLN A 20 -6.42 1.28 7.34
N LEU A 21 -7.31 1.40 6.35
CA LEU A 21 -8.77 1.39 6.54
C LEU A 21 -9.31 0.04 7.05
N SER A 22 -8.61 -1.08 6.79
CA SER A 22 -9.02 -2.40 7.25
C SER A 22 -8.62 -2.63 8.71
N SER A 23 -7.38 -2.27 9.08
CA SER A 23 -6.73 -2.62 10.36
C SER A 23 -7.52 -2.29 11.64
N VAL A 24 -8.42 -1.31 11.58
CA VAL A 24 -9.22 -0.85 12.71
C VAL A 24 -10.40 -1.76 13.05
N LYS A 25 -10.95 -2.45 12.07
CA LYS A 25 -12.00 -3.46 12.26
C LYS A 25 -11.54 -4.90 12.00
N ALA A 26 -10.29 -5.06 11.59
CA ALA A 26 -9.78 -6.30 10.98
C ALA A 26 -8.24 -6.37 10.95
N ARG A 27 -7.66 -7.36 10.26
CA ARG A 27 -6.20 -7.55 10.11
C ARG A 27 -5.51 -6.43 9.33
N GLY A 28 -5.96 -6.11 8.12
CA GLY A 28 -5.49 -4.95 7.34
C GLY A 28 -4.03 -5.04 6.89
N ILE A 29 -3.30 -3.91 6.97
CA ILE A 29 -1.87 -3.83 6.62
C ILE A 29 -1.00 -4.91 7.28
N LYS A 30 0.03 -5.36 6.56
CA LYS A 30 0.98 -6.39 7.01
C LYS A 30 2.15 -5.76 7.78
N MET A 1 19.22 7.09 -3.86
CA MET A 1 18.93 7.14 -5.31
C MET A 1 17.42 7.20 -5.54
N ARG A 2 16.95 8.00 -6.52
CA ARG A 2 15.54 7.98 -6.99
C ARG A 2 15.11 6.59 -7.48
N LYS A 3 14.01 6.06 -6.94
CA LYS A 3 13.57 4.65 -7.12
C LYS A 3 12.07 4.45 -7.25
N HIS A 4 11.28 5.47 -6.90
CA HIS A 4 9.81 5.51 -7.05
C HIS A 4 9.40 6.21 -8.35
N LEU A 5 8.19 5.94 -8.81
CA LEU A 5 7.68 6.37 -10.13
C LEU A 5 6.13 6.32 -10.18
N GLY A 6 5.56 5.98 -11.34
CA GLY A 6 4.13 6.02 -11.63
C GLY A 6 3.85 4.92 -12.65
N GLY A 7 3.55 3.73 -12.15
CA GLY A 7 3.64 2.47 -12.89
C GLY A 7 3.35 1.28 -11.98
N CYS A 8 3.87 0.10 -12.32
CA CYS A 8 3.89 -1.10 -11.47
C CYS A 8 4.38 -0.90 -10.03
N TRP A 9 5.18 0.13 -9.76
CA TRP A 9 5.55 0.56 -8.41
C TRP A 9 4.33 0.82 -7.50
N LEU A 10 3.26 1.41 -8.05
CA LEU A 10 2.04 1.73 -7.30
C LEU A 10 1.32 0.49 -6.77
N ALA A 11 1.59 -0.70 -7.29
CA ALA A 11 1.05 -1.95 -6.74
C ALA A 11 1.47 -2.16 -5.27
N ILE A 12 2.67 -1.70 -4.88
CA ILE A 12 3.18 -1.75 -3.49
C ILE A 12 2.49 -0.70 -2.61
N VAL A 13 2.20 0.48 -3.17
CA VAL A 13 1.49 1.58 -2.50
C VAL A 13 0.01 1.25 -2.28
N CYS A 14 -0.66 0.67 -3.29
CA CYS A 14 -2.05 0.25 -3.24
C CYS A 14 -2.36 -0.68 -2.07
N VAL A 15 -1.61 -1.77 -1.94
CA VAL A 15 -1.83 -2.73 -0.86
C VAL A 15 -1.50 -2.19 0.52
N LEU A 16 -0.54 -1.28 0.63
CA LEU A 16 -0.32 -0.51 1.85
C LEU A 16 -1.56 0.36 2.13
N LEU A 17 -2.07 1.06 1.11
CA LEU A 17 -3.06 2.12 1.31
C LEU A 17 -4.42 1.61 1.79
N PHE A 18 -4.82 0.40 1.40
CA PHE A 18 -6.06 -0.19 1.90
C PHE A 18 -5.83 -0.99 3.20
N SER A 19 -4.66 -1.62 3.36
CA SER A 19 -4.33 -2.36 4.60
C SER A 19 -4.31 -1.46 5.84
N GLN A 20 -3.80 -0.23 5.68
CA GLN A 20 -3.70 0.77 6.76
C GLN A 20 -5.07 1.36 7.11
N LEU A 21 -5.89 1.64 6.08
CA LEU A 21 -7.33 1.95 6.18
C LEU A 21 -8.15 0.85 6.87
N SER A 22 -7.69 -0.40 6.82
CA SER A 22 -8.46 -1.58 7.23
C SER A 22 -8.24 -1.98 8.70
N SER A 23 -6.99 -1.97 9.18
CA SER A 23 -6.58 -2.70 10.40
C SER A 23 -7.25 -2.18 11.70
N VAL A 24 -7.84 -1.00 11.65
CA VAL A 24 -8.57 -0.34 12.73
C VAL A 24 -9.88 -0.99 13.13
N LYS A 25 -10.56 -1.59 12.16
CA LYS A 25 -11.84 -2.26 12.32
C LYS A 25 -11.78 -3.74 11.94
N ALA A 26 -10.60 -4.20 11.52
CA ALA A 26 -10.38 -5.48 10.84
C ALA A 26 -8.90 -5.93 10.92
N ARG A 27 -8.52 -6.93 10.12
CA ARG A 27 -7.15 -7.46 10.04
C ARG A 27 -6.20 -6.49 9.34
N GLY A 28 -6.48 -6.10 8.09
CA GLY A 28 -5.76 -5.02 7.39
C GLY A 28 -4.26 -5.28 7.22
N ILE A 29 -3.44 -4.45 7.89
CA ILE A 29 -1.97 -4.56 8.06
C ILE A 29 -1.50 -5.99 8.40
N LYS A 30 -0.46 -6.46 7.71
CA LYS A 30 0.23 -7.75 7.94
C LYS A 30 1.74 -7.60 8.06
N MET A 1 19.71 8.70 -6.37
CA MET A 1 19.16 8.67 -7.75
C MET A 1 17.71 8.17 -7.71
N ARG A 2 16.83 8.74 -8.53
CA ARG A 2 15.40 8.36 -8.59
C ARG A 2 15.18 6.89 -8.97
N LYS A 3 14.34 6.21 -8.19
CA LYS A 3 13.93 4.79 -8.36
C LYS A 3 12.41 4.55 -8.23
N HIS A 4 11.64 5.58 -7.89
CA HIS A 4 10.17 5.56 -7.85
C HIS A 4 9.52 6.19 -9.10
N LEU A 5 8.28 5.79 -9.37
CA LEU A 5 7.54 6.02 -10.62
C LEU A 5 6.02 5.84 -10.40
N GLY A 6 5.27 5.21 -11.32
CA GLY A 6 3.81 5.07 -11.26
C GLY A 6 3.23 3.77 -11.86
N GLY A 7 4.07 2.86 -12.34
CA GLY A 7 3.68 1.53 -12.84
C GLY A 7 3.44 0.50 -11.72
N CYS A 8 3.90 -0.74 -11.91
CA CYS A 8 3.97 -1.79 -10.89
C CYS A 8 4.54 -1.37 -9.53
N TRP A 9 5.38 -0.33 -9.49
CA TRP A 9 5.83 0.29 -8.24
C TRP A 9 4.67 0.71 -7.32
N LEU A 10 3.62 1.31 -7.90
CA LEU A 10 2.55 1.96 -7.16
C LEU A 10 1.67 0.97 -6.37
N ALA A 11 1.72 -0.31 -6.74
CA ALA A 11 1.15 -1.41 -5.98
C ALA A 11 1.75 -1.53 -4.55
N ILE A 12 2.94 -0.97 -4.28
CA ILE A 12 3.53 -0.94 -2.94
C ILE A 12 2.81 0.09 -2.06
N VAL A 13 2.56 1.28 -2.61
CA VAL A 13 1.78 2.34 -1.94
C VAL A 13 0.30 1.98 -1.80
N CYS A 14 -0.30 1.38 -2.82
CA CYS A 14 -1.71 0.97 -2.83
C CYS A 14 -2.08 0.05 -1.67
N VAL A 15 -1.41 -1.09 -1.58
CA VAL A 15 -1.75 -2.07 -0.53
C VAL A 15 -1.52 -1.57 0.87
N LEU A 16 -0.52 -0.72 1.06
CA LEU A 16 -0.29 -0.02 2.31
C LEU A 16 -1.50 0.87 2.59
N LEU A 17 -1.93 1.66 1.59
CA LEU A 17 -2.91 2.72 1.79
C LEU A 17 -4.33 2.21 2.08
N PHE A 18 -4.68 0.97 1.66
CA PHE A 18 -5.96 0.35 2.04
C PHE A 18 -5.86 -0.59 3.25
N SER A 19 -4.80 -1.38 3.35
CA SER A 19 -4.67 -2.37 4.42
C SER A 19 -4.58 -1.70 5.81
N GLN A 20 -3.98 -0.51 5.87
CA GLN A 20 -3.96 0.35 7.07
C GLN A 20 -5.36 0.85 7.43
N LEU A 21 -6.10 1.38 6.45
CA LEU A 21 -7.53 1.76 6.54
C LEU A 21 -8.40 0.66 7.14
N SER A 22 -8.09 -0.60 6.84
CA SER A 22 -8.87 -1.76 7.25
C SER A 22 -8.49 -2.22 8.68
N SER A 23 -7.21 -2.12 9.03
CA SER A 23 -6.63 -2.69 10.27
C SER A 23 -7.26 -2.18 11.58
N VAL A 24 -7.98 -1.06 11.54
CA VAL A 24 -8.76 -0.56 12.66
C VAL A 24 -9.89 -1.50 13.08
N LYS A 25 -10.84 -1.78 12.18
CA LYS A 25 -12.01 -2.61 12.46
C LYS A 25 -11.79 -4.10 12.21
N ALA A 26 -10.65 -4.45 11.63
CA ALA A 26 -10.42 -5.73 10.96
C ALA A 26 -8.94 -6.15 10.94
N ARG A 27 -8.63 -7.25 10.24
CA ARG A 27 -7.26 -7.74 10.04
C ARG A 27 -6.36 -6.81 9.23
N GLY A 28 -6.84 -6.26 8.12
CA GLY A 28 -6.13 -5.23 7.33
C GLY A 28 -4.70 -5.63 6.96
N ILE A 29 -3.73 -4.86 7.47
CA ILE A 29 -2.27 -5.00 7.30
C ILE A 29 -1.76 -6.46 7.35
N LYS A 30 -0.86 -6.80 6.40
CA LYS A 30 0.00 -7.98 6.42
C LYS A 30 1.47 -7.57 6.44
N MET A 1 16.06 12.43 -12.76
CA MET A 1 15.64 11.02 -12.57
C MET A 1 15.22 10.79 -11.13
N ARG A 2 14.35 9.80 -10.89
CA ARG A 2 13.93 9.34 -9.54
C ARG A 2 13.58 7.85 -9.52
N LYS A 3 13.80 7.19 -8.39
CA LYS A 3 13.72 5.72 -8.23
C LYS A 3 12.34 5.14 -8.50
N HIS A 4 11.34 5.76 -7.90
CA HIS A 4 9.93 5.36 -7.95
C HIS A 4 9.13 6.11 -9.03
N LEU A 5 7.88 5.71 -9.24
CA LEU A 5 7.02 6.15 -10.35
C LEU A 5 5.54 5.95 -9.97
N GLY A 6 4.69 5.52 -10.90
CA GLY A 6 3.25 5.31 -10.69
C GLY A 6 2.66 4.07 -11.37
N GLY A 7 3.45 3.29 -12.11
CA GLY A 7 3.05 2.04 -12.78
C GLY A 7 2.97 0.83 -11.83
N CYS A 8 3.56 -0.31 -12.21
CA CYS A 8 3.66 -1.51 -11.35
C CYS A 8 4.27 -1.28 -9.97
N TRP A 9 5.11 -0.24 -9.82
CA TRP A 9 5.61 0.22 -8.53
C TRP A 9 4.51 0.53 -7.51
N LEU A 10 3.44 1.19 -7.95
CA LEU A 10 2.42 1.74 -7.07
C LEU A 10 1.59 0.64 -6.39
N ALA A 11 1.52 -0.55 -6.99
CA ALA A 11 0.96 -1.75 -6.38
C ALA A 11 1.72 -2.23 -5.13
N ILE A 12 2.96 -1.77 -4.90
CA ILE A 12 3.68 -2.01 -3.62
C ILE A 12 3.13 -1.07 -2.55
N VAL A 13 2.96 0.21 -2.88
CA VAL A 13 2.43 1.23 -1.96
C VAL A 13 0.96 1.05 -1.63
N CYS A 14 0.11 0.72 -2.61
CA CYS A 14 -1.33 0.54 -2.46
C CYS A 14 -1.70 -0.41 -1.32
N VAL A 15 -1.25 -1.66 -1.41
CA VAL A 15 -1.57 -2.66 -0.38
C VAL A 15 -0.92 -2.40 0.97
N LEU A 16 0.23 -1.72 0.99
CA LEU A 16 0.75 -1.20 2.25
C LEU A 16 -0.24 -0.18 2.84
N LEU A 17 -0.84 0.69 2.02
CA LEU A 17 -1.58 1.89 2.45
C LEU A 17 -3.06 1.67 2.79
N PHE A 18 -3.82 0.91 1.99
CA PHE A 18 -5.29 0.83 2.23
C PHE A 18 -5.56 -0.13 3.39
N SER A 19 -4.72 -1.16 3.56
CA SER A 19 -4.75 -2.07 4.71
C SER A 19 -4.59 -1.35 6.06
N GLN A 20 -3.92 -0.20 6.11
CA GLN A 20 -3.71 0.58 7.35
C GLN A 20 -5.00 1.28 7.79
N LEU A 21 -5.64 2.00 6.86
CA LEU A 21 -6.98 2.57 6.99
C LEU A 21 -8.03 1.52 7.38
N SER A 22 -7.87 0.28 6.92
CA SER A 22 -8.85 -0.79 7.11
C SER A 22 -8.65 -1.57 8.42
N SER A 23 -7.45 -1.51 9.02
CA SER A 23 -7.01 -2.35 10.15
C SER A 23 -7.83 -2.14 11.44
N VAL A 24 -8.73 -1.16 11.47
CA VAL A 24 -9.68 -0.90 12.55
C VAL A 24 -10.92 -1.80 12.50
N LYS A 25 -11.45 -2.02 11.30
CA LYS A 25 -12.65 -2.83 11.02
C LYS A 25 -12.33 -4.27 10.58
N ALA A 26 -11.04 -4.60 10.48
CA ALA A 26 -10.56 -5.81 9.79
C ALA A 26 -9.18 -6.25 10.28
N ARG A 27 -8.63 -7.33 9.70
CA ARG A 27 -7.21 -7.72 9.84
C ARG A 27 -6.27 -6.61 9.36
N GLY A 28 -6.59 -6.00 8.23
CA GLY A 28 -5.88 -4.87 7.61
C GLY A 28 -4.39 -5.13 7.41
N ILE A 29 -3.58 -4.47 8.23
CA ILE A 29 -2.12 -4.45 8.21
C ILE A 29 -1.54 -5.86 8.15
N LYS A 30 -0.70 -6.10 7.14
CA LYS A 30 -0.12 -7.41 6.80
C LYS A 30 1.37 -7.30 6.51
N MET A 1 17.68 12.92 -2.68
CA MET A 1 17.65 12.01 -3.85
C MET A 1 16.26 11.40 -3.99
N ARG A 2 15.71 11.35 -5.21
CA ARG A 2 14.38 10.81 -5.54
C ARG A 2 14.49 9.61 -6.50
N LYS A 3 13.56 8.66 -6.45
CA LYS A 3 13.66 7.37 -7.18
C LYS A 3 12.35 6.72 -7.67
N HIS A 4 11.19 7.29 -7.36
CA HIS A 4 9.89 6.65 -7.55
C HIS A 4 9.18 7.05 -8.86
N LEU A 5 8.19 6.24 -9.22
CA LEU A 5 7.53 6.19 -10.53
C LEU A 5 6.04 5.80 -10.35
N GLY A 6 5.42 5.15 -11.34
CA GLY A 6 3.97 4.86 -11.35
C GLY A 6 3.56 3.53 -12.01
N GLY A 7 4.52 2.67 -12.33
CA GLY A 7 4.31 1.33 -12.90
C GLY A 7 3.96 0.27 -11.84
N CYS A 8 4.63 -0.89 -11.90
CA CYS A 8 4.58 -1.92 -10.86
C CYS A 8 4.80 -1.40 -9.43
N TRP A 9 5.57 -0.30 -9.27
CA TRP A 9 5.82 0.38 -8.01
C TRP A 9 4.53 0.78 -7.26
N LEU A 10 3.55 1.31 -7.99
CA LEU A 10 2.35 1.90 -7.41
C LEU A 10 1.45 0.86 -6.74
N ALA A 11 1.52 -0.39 -7.20
CA ALA A 11 0.84 -1.53 -6.59
C ALA A 11 1.34 -1.80 -5.15
N ILE A 12 2.54 -1.35 -4.78
CA ILE A 12 3.06 -1.48 -3.40
C ILE A 12 2.45 -0.42 -2.47
N VAL A 13 2.29 0.82 -2.96
CA VAL A 13 1.59 1.91 -2.25
C VAL A 13 0.10 1.64 -2.09
N CYS A 14 -0.57 1.15 -3.14
CA CYS A 14 -2.00 0.86 -3.12
C CYS A 14 -2.42 -0.07 -1.98
N VAL A 15 -1.72 -1.20 -1.84
CA VAL A 15 -2.07 -2.20 -0.83
C VAL A 15 -1.74 -1.78 0.59
N LEU A 16 -0.69 -0.99 0.77
CA LEU A 16 -0.38 -0.35 2.04
C LEU A 16 -1.54 0.59 2.42
N LEU A 17 -2.02 1.38 1.46
CA LEU A 17 -2.91 2.52 1.75
C LEU A 17 -4.35 2.14 2.12
N PHE A 18 -4.80 0.92 1.79
CA PHE A 18 -6.07 0.41 2.31
C PHE A 18 -5.85 -0.53 3.51
N SER A 19 -4.76 -1.32 3.53
CA SER A 19 -4.49 -2.25 4.64
C SER A 19 -4.36 -1.55 6.00
N GLN A 20 -3.75 -0.36 6.00
CA GLN A 20 -3.52 0.46 7.21
C GLN A 20 -4.84 1.01 7.77
N LEU A 21 -5.69 1.53 6.89
CA LEU A 21 -7.07 1.94 7.13
C LEU A 21 -7.95 0.78 7.64
N SER A 22 -7.71 -0.43 7.14
CA SER A 22 -8.51 -1.61 7.47
C SER A 22 -8.25 -2.09 8.89
N SER A 23 -6.99 -2.07 9.33
CA SER A 23 -6.48 -2.83 10.49
C SER A 23 -7.05 -2.41 11.87
N VAL A 24 -7.91 -1.38 11.92
CA VAL A 24 -8.65 -0.96 13.10
C VAL A 24 -10.07 -1.54 13.16
N LYS A 25 -10.73 -1.67 12.03
CA LYS A 25 -12.09 -2.22 11.87
C LYS A 25 -12.12 -3.68 11.40
N ALA A 26 -10.94 -4.23 11.12
CA ALA A 26 -10.69 -5.52 10.46
C ALA A 26 -9.21 -5.95 10.65
N ARG A 27 -8.76 -7.03 10.00
CA ARG A 27 -7.35 -7.49 10.04
C ARG A 27 -6.39 -6.56 9.31
N GLY A 28 -6.64 -6.20 8.05
CA GLY A 28 -5.95 -5.13 7.32
C GLY A 28 -4.47 -5.44 7.03
N ILE A 29 -3.56 -4.73 7.70
CA ILE A 29 -2.09 -4.86 7.64
C ILE A 29 -1.60 -6.32 7.62
N LYS A 30 -0.73 -6.62 6.65
CA LYS A 30 -0.11 -7.93 6.43
C LYS A 30 1.26 -8.06 7.09
N MET A 1 18.23 9.97 -9.28
CA MET A 1 16.81 9.73 -9.64
C MET A 1 16.21 8.70 -8.72
N ARG A 2 14.93 8.86 -8.36
CA ARG A 2 14.19 7.93 -7.48
C ARG A 2 14.12 6.50 -8.04
N LYS A 3 14.23 5.51 -7.15
CA LYS A 3 13.96 4.07 -7.40
C LYS A 3 12.46 3.81 -7.66
N HIS A 4 11.65 4.64 -7.02
CA HIS A 4 10.19 4.68 -7.08
C HIS A 4 9.71 5.52 -8.25
N LEU A 5 8.61 5.11 -8.88
CA LEU A 5 8.16 5.60 -10.19
C LEU A 5 6.62 5.75 -10.26
N GLY A 6 6.02 5.51 -11.43
CA GLY A 6 4.61 5.80 -11.73
C GLY A 6 4.09 4.74 -12.70
N GLY A 7 3.96 3.51 -12.19
CA GLY A 7 3.71 2.30 -12.97
C GLY A 7 3.12 1.20 -12.09
N CYS A 8 3.46 -0.07 -12.36
CA CYS A 8 3.19 -1.19 -11.44
C CYS A 8 3.74 -0.99 -10.02
N TRP A 9 4.77 -0.16 -9.82
CA TRP A 9 5.28 0.22 -8.50
C TRP A 9 4.21 0.73 -7.54
N LEU A 10 3.21 1.47 -8.05
CA LEU A 10 2.11 1.99 -7.24
C LEU A 10 1.25 0.88 -6.63
N ALA A 11 1.24 -0.34 -7.18
CA ALA A 11 0.56 -1.49 -6.59
C ALA A 11 1.14 -1.90 -5.22
N ILE A 12 2.39 -1.55 -4.93
CA ILE A 12 3.04 -1.74 -3.62
C ILE A 12 2.66 -0.61 -2.64
N VAL A 13 2.49 0.61 -3.15
CA VAL A 13 2.09 1.80 -2.36
C VAL A 13 0.60 1.78 -1.98
N CYS A 14 -0.24 1.32 -2.91
CA CYS A 14 -1.68 1.12 -2.75
C CYS A 14 -2.04 0.20 -1.59
N VAL A 15 -1.47 -1.00 -1.56
CA VAL A 15 -1.73 -1.95 -0.47
C VAL A 15 -1.26 -1.43 0.89
N LEU A 16 -0.19 -0.63 0.95
CA LEU A 16 0.27 0.07 2.15
C LEU A 16 -0.62 1.27 2.54
N LEU A 17 -1.50 1.72 1.64
CA LEU A 17 -2.48 2.79 1.88
C LEU A 17 -3.86 2.26 2.30
N PHE A 18 -4.40 1.21 1.68
CA PHE A 18 -5.78 0.77 1.98
C PHE A 18 -5.79 -0.21 3.16
N SER A 19 -4.71 -0.98 3.36
CA SER A 19 -4.57 -1.92 4.48
C SER A 19 -4.70 -1.28 5.87
N GLN A 20 -4.42 0.02 5.98
CA GLN A 20 -4.39 0.78 7.24
C GLN A 20 -5.82 1.08 7.77
N LEU A 21 -6.69 1.63 6.92
CA LEU A 21 -8.16 1.67 7.08
C LEU A 21 -8.75 0.27 7.26
N SER A 22 -8.14 -0.72 6.62
CA SER A 22 -8.59 -2.11 6.68
C SER A 22 -7.98 -2.86 7.88
N SER A 23 -7.31 -2.15 8.79
CA SER A 23 -6.69 -2.63 10.04
C SER A 23 -7.41 -2.05 11.28
N VAL A 24 -8.66 -1.61 11.11
CA VAL A 24 -9.46 -0.92 12.10
C VAL A 24 -10.48 -1.92 12.66
N LYS A 25 -11.53 -2.21 11.89
CA LYS A 25 -12.52 -3.26 12.13
C LYS A 25 -12.12 -4.64 11.58
N ALA A 26 -10.88 -4.76 11.12
CA ALA A 26 -10.30 -5.96 10.52
C ALA A 26 -8.77 -5.98 10.73
N ARG A 27 -8.06 -7.03 10.26
CA ARG A 27 -6.60 -7.21 10.42
C ARG A 27 -5.74 -6.26 9.58
N GLY A 28 -5.94 -6.22 8.26
CA GLY A 28 -5.33 -5.23 7.36
C GLY A 28 -3.81 -5.33 7.19
N ILE A 29 -3.07 -4.53 7.95
CA ILE A 29 -1.61 -4.44 7.97
C ILE A 29 -0.96 -5.81 8.20
N LYS A 30 0.16 -6.08 7.50
CA LYS A 30 0.93 -7.34 7.54
C LYS A 30 2.17 -7.24 8.41
N MET A 1 18.77 9.62 -6.75
CA MET A 1 17.91 8.88 -7.68
C MET A 1 17.10 7.83 -6.93
N ARG A 2 15.77 7.80 -7.08
CA ARG A 2 14.87 6.87 -6.35
C ARG A 2 13.98 6.04 -7.28
N LYS A 3 13.68 4.79 -6.91
CA LYS A 3 12.95 3.80 -7.75
C LYS A 3 11.41 4.01 -7.83
N HIS A 4 10.94 5.24 -7.58
CA HIS A 4 9.54 5.55 -7.29
C HIS A 4 8.91 6.47 -8.35
N LEU A 5 7.73 6.08 -8.84
CA LEU A 5 7.05 6.66 -10.01
C LEU A 5 5.52 6.45 -9.90
N GLY A 6 4.83 6.03 -10.96
CA GLY A 6 3.36 5.82 -10.99
C GLY A 6 2.91 4.58 -11.77
N GLY A 7 3.85 3.75 -12.27
CA GLY A 7 3.60 2.49 -12.99
C GLY A 7 3.34 1.29 -12.07
N CYS A 8 3.92 0.12 -12.39
CA CYS A 8 3.94 -1.08 -11.55
C CYS A 8 4.43 -0.84 -10.11
N TRP A 9 5.23 0.20 -9.89
CA TRP A 9 5.62 0.68 -8.57
C TRP A 9 4.44 0.97 -7.65
N LEU A 10 3.38 1.60 -8.17
CA LEU A 10 2.27 2.11 -7.38
C LEU A 10 1.43 0.98 -6.76
N ALA A 11 1.49 -0.21 -7.34
CA ALA A 11 0.92 -1.43 -6.77
C ALA A 11 1.60 -1.88 -5.45
N ILE A 12 2.77 -1.32 -5.09
CA ILE A 12 3.40 -1.52 -3.77
C ILE A 12 2.89 -0.49 -2.74
N VAL A 13 2.57 0.72 -3.18
CA VAL A 13 1.84 1.71 -2.39
C VAL A 13 0.40 1.29 -2.12
N CYS A 14 -0.28 0.69 -3.11
CA CYS A 14 -1.64 0.16 -2.98
C CYS A 14 -1.85 -0.74 -1.75
N VAL A 15 -1.05 -1.79 -1.64
CA VAL A 15 -1.19 -2.78 -0.57
C VAL A 15 -0.89 -2.24 0.82
N LEU A 16 0.02 -1.27 0.92
CA LEU A 16 0.21 -0.47 2.12
C LEU A 16 -1.08 0.34 2.38
N LEU A 17 -1.57 1.05 1.37
CA LEU A 17 -2.64 2.05 1.54
C LEU A 17 -3.98 1.44 1.92
N PHE A 18 -4.30 0.23 1.46
CA PHE A 18 -5.52 -0.45 1.88
C PHE A 18 -5.34 -1.23 3.19
N SER A 19 -4.16 -1.82 3.43
CA SER A 19 -3.85 -2.47 4.71
C SER A 19 -3.99 -1.50 5.90
N GLN A 20 -3.57 -0.26 5.72
CA GLN A 20 -3.65 0.83 6.71
C GLN A 20 -5.10 1.30 6.92
N LEU A 21 -5.85 1.48 5.84
CA LEU A 21 -7.31 1.68 5.86
C LEU A 21 -8.05 0.56 6.59
N SER A 22 -7.55 -0.67 6.48
CA SER A 22 -8.23 -1.87 6.96
C SER A 22 -7.99 -2.11 8.46
N SER A 23 -6.78 -1.87 8.94
CA SER A 23 -6.31 -2.30 10.29
C SER A 23 -7.17 -1.78 11.45
N VAL A 24 -7.84 -0.65 11.27
CA VAL A 24 -8.75 -0.04 12.23
C VAL A 24 -10.10 -0.73 12.35
N LYS A 25 -10.67 -1.16 11.23
CA LYS A 25 -11.97 -1.84 11.15
C LYS A 25 -11.88 -3.36 11.08
N ALA A 26 -10.66 -3.89 10.97
CA ALA A 26 -10.38 -5.27 10.55
C ALA A 26 -8.95 -5.74 10.94
N ARG A 27 -8.38 -6.72 10.23
CA ARG A 27 -6.98 -7.18 10.37
C ARG A 27 -5.97 -6.22 9.73
N GLY A 28 -6.15 -5.92 8.44
CA GLY A 28 -5.38 -4.94 7.67
C GLY A 28 -3.88 -5.26 7.64
N ILE A 29 -3.07 -4.36 8.22
CA ILE A 29 -1.61 -4.49 8.36
C ILE A 29 -1.17 -5.83 8.96
N LYS A 30 -1.83 -6.27 10.02
CA LYS A 30 -1.46 -7.44 10.83
C LYS A 30 -2.63 -8.08 11.59
N MET A 1 19.23 7.33 -9.40
CA MET A 1 17.99 6.81 -10.01
C MET A 1 16.91 6.66 -8.96
N ARG A 2 15.74 7.26 -9.19
CA ARG A 2 14.58 7.22 -8.29
C ARG A 2 13.91 5.83 -8.26
N LYS A 3 13.67 5.31 -7.06
CA LYS A 3 12.92 4.08 -6.73
C LYS A 3 11.45 4.12 -7.17
N HIS A 4 10.83 5.27 -6.95
CA HIS A 4 9.42 5.58 -7.27
C HIS A 4 9.20 5.95 -8.75
N LEU A 5 7.96 5.77 -9.23
CA LEU A 5 7.48 6.19 -10.56
C LEU A 5 5.93 6.21 -10.63
N GLY A 6 5.36 5.95 -11.81
CA GLY A 6 3.93 5.95 -12.12
C GLY A 6 3.60 4.69 -12.92
N GLY A 7 3.67 3.56 -12.22
CA GLY A 7 3.76 2.23 -12.82
C GLY A 7 3.77 1.14 -11.75
N CYS A 8 4.60 0.10 -11.92
CA CYS A 8 4.78 -0.99 -10.95
C CYS A 8 5.16 -0.57 -9.52
N TRP A 9 5.66 0.66 -9.31
CA TRP A 9 5.86 1.22 -7.99
C TRP A 9 4.57 1.38 -7.17
N LEU A 10 3.46 1.75 -7.81
CA LEU A 10 2.18 1.97 -7.13
C LEU A 10 1.62 0.69 -6.51
N ALA A 11 2.03 -0.50 -6.98
CA ALA A 11 1.68 -1.78 -6.38
C ALA A 11 2.22 -1.97 -4.95
N ILE A 12 3.27 -1.23 -4.55
CA ILE A 12 3.73 -1.14 -3.15
C ILE A 12 2.83 -0.18 -2.34
N VAL A 13 2.48 0.96 -2.93
CA VAL A 13 1.66 2.00 -2.28
C VAL A 13 0.22 1.58 -2.02
N CYS A 14 -0.43 0.98 -3.02
CA CYS A 14 -1.83 0.57 -2.97
C CYS A 14 -2.16 -0.33 -1.78
N VAL A 15 -1.46 -1.46 -1.68
CA VAL A 15 -1.70 -2.44 -0.62
C VAL A 15 -1.36 -1.93 0.77
N LEU A 16 -0.38 -1.04 0.90
CA LEU A 16 -0.14 -0.32 2.15
C LEU A 16 -1.36 0.56 2.45
N LEU A 17 -1.84 1.31 1.46
CA LEU A 17 -2.84 2.36 1.68
C LEU A 17 -4.21 1.79 2.07
N PHE A 18 -4.59 0.61 1.56
CA PHE A 18 -5.82 -0.06 1.99
C PHE A 18 -5.67 -0.93 3.25
N SER A 19 -4.51 -1.56 3.44
CA SER A 19 -4.21 -2.31 4.67
C SER A 19 -4.36 -1.47 5.93
N GLN A 20 -3.87 -0.22 5.87
CA GLN A 20 -3.84 0.73 6.99
C GLN A 20 -5.22 1.33 7.29
N LEU A 21 -6.01 1.57 6.23
CA LEU A 21 -7.46 1.75 6.25
C LEU A 21 -8.19 0.59 6.93
N SER A 22 -7.79 -0.65 6.66
CA SER A 22 -8.54 -1.84 7.07
C SER A 22 -8.30 -2.22 8.53
N SER A 23 -7.03 -2.09 8.99
CA SER A 23 -6.56 -2.64 10.27
C SER A 23 -7.21 -2.01 11.53
N VAL A 24 -7.98 -0.92 11.38
CA VAL A 24 -8.74 -0.28 12.45
C VAL A 24 -9.96 -1.05 12.90
N LYS A 25 -10.80 -1.50 11.96
CA LYS A 25 -12.04 -2.24 12.20
C LYS A 25 -11.91 -3.74 11.90
N ALA A 26 -10.73 -4.17 11.46
CA ALA A 26 -10.46 -5.51 10.92
C ALA A 26 -8.98 -5.91 11.09
N ARG A 27 -8.50 -6.94 10.38
CA ARG A 27 -7.09 -7.37 10.36
C ARG A 27 -6.21 -6.38 9.57
N GLY A 28 -6.54 -6.14 8.30
CA GLY A 28 -5.89 -5.19 7.41
C GLY A 28 -4.45 -5.58 7.07
N ILE A 29 -3.50 -4.79 7.60
CA ILE A 29 -2.05 -5.03 7.56
C ILE A 29 -1.69 -6.50 7.85
N LYS A 30 -0.94 -7.13 6.93
CA LYS A 30 -0.40 -8.49 7.02
C LYS A 30 1.00 -8.48 7.62
N MET A 1 12.13 0.76 0.23
CA MET A 1 12.83 0.71 -1.08
C MET A 1 12.56 1.99 -1.85
N ARG A 2 13.44 2.37 -2.78
CA ARG A 2 13.37 3.61 -3.57
C ARG A 2 12.76 3.37 -4.97
N LYS A 3 13.05 4.25 -5.93
CA LYS A 3 12.48 4.29 -7.30
C LYS A 3 10.95 4.42 -7.29
N HIS A 4 10.48 5.61 -6.91
CA HIS A 4 9.07 5.95 -6.73
C HIS A 4 8.47 6.58 -8.00
N LEU A 5 8.15 5.73 -8.99
CA LEU A 5 7.58 6.14 -10.28
C LEU A 5 6.03 6.21 -10.25
N GLY A 6 5.37 5.97 -11.39
CA GLY A 6 3.92 6.09 -11.62
C GLY A 6 3.38 4.87 -12.38
N GLY A 7 3.84 3.69 -11.96
CA GLY A 7 3.74 2.41 -12.68
C GLY A 7 3.82 1.25 -11.70
N CYS A 8 4.64 0.23 -12.00
CA CYS A 8 4.85 -0.93 -11.11
C CYS A 8 5.19 -0.61 -9.63
N TRP A 9 5.72 0.58 -9.34
CA TRP A 9 5.92 1.07 -7.97
C TRP A 9 4.61 1.21 -7.18
N LEU A 10 3.54 1.71 -7.83
CA LEU A 10 2.25 1.99 -7.21
C LEU A 10 1.60 0.74 -6.62
N ALA A 11 1.89 -0.45 -7.17
CA ALA A 11 1.39 -1.72 -6.66
C ALA A 11 1.75 -1.94 -5.18
N ILE A 12 2.96 -1.54 -4.76
CA ILE A 12 3.47 -1.65 -3.39
C ILE A 12 2.77 -0.65 -2.45
N VAL A 13 2.48 0.56 -2.95
CA VAL A 13 1.70 1.58 -2.25
C VAL A 13 0.24 1.19 -2.09
N CYS A 14 -0.40 0.69 -3.16
CA CYS A 14 -1.78 0.24 -3.18
C CYS A 14 -2.10 -0.79 -2.11
N VAL A 15 -1.31 -1.86 -2.06
CA VAL A 15 -1.54 -2.94 -1.09
C VAL A 15 -1.30 -2.54 0.35
N LEU A 16 -0.34 -1.62 0.58
CA LEU A 16 -0.18 -0.97 1.87
C LEU A 16 -1.44 -0.14 2.17
N LEU A 17 -1.94 0.64 1.20
CA LEU A 17 -2.91 1.70 1.48
C LEU A 17 -4.27 1.17 1.93
N PHE A 18 -4.74 0.05 1.37
CA PHE A 18 -6.04 -0.51 1.77
C PHE A 18 -5.87 -1.37 3.03
N SER A 19 -4.69 -1.98 3.23
CA SER A 19 -4.34 -2.76 4.42
C SER A 19 -4.24 -1.89 5.67
N GLN A 20 -3.83 -0.63 5.49
CA GLN A 20 -3.74 0.38 6.55
C GLN A 20 -5.09 1.07 6.81
N LEU A 21 -5.87 1.35 5.76
CA LEU A 21 -7.29 1.73 5.85
C LEU A 21 -8.12 0.76 6.71
N SER A 22 -7.78 -0.53 6.67
CA SER A 22 -8.45 -1.61 7.40
C SER A 22 -7.81 -1.96 8.76
N SER A 23 -6.75 -1.24 9.16
CA SER A 23 -6.05 -1.43 10.44
C SER A 23 -6.73 -0.81 11.68
N VAL A 24 -7.71 0.09 11.46
CA VAL A 24 -8.08 1.10 12.45
C VAL A 24 -8.85 0.56 13.64
N LYS A 25 -9.75 -0.39 13.41
CA LYS A 25 -10.49 -1.12 14.43
C LYS A 25 -10.31 -2.64 14.28
N ALA A 26 -9.33 -3.06 13.48
CA ALA A 26 -9.14 -4.47 13.10
C ALA A 26 -7.67 -4.83 12.82
N ARG A 27 -7.35 -6.12 12.59
CA ARG A 27 -5.98 -6.57 12.29
C ARG A 27 -5.42 -5.91 11.02
N GLY A 28 -6.21 -5.82 9.95
CA GLY A 28 -5.89 -5.10 8.72
C GLY A 28 -4.69 -5.69 7.98
N ILE A 29 -3.56 -4.99 8.07
CA ILE A 29 -2.22 -5.35 7.60
C ILE A 29 -1.81 -6.82 7.88
N LYS A 30 -1.24 -7.47 6.86
CA LYS A 30 -0.83 -8.88 6.84
C LYS A 30 0.62 -9.13 7.26
N MET A 1 19.11 6.54 -4.07
CA MET A 1 18.49 7.19 -5.24
C MET A 1 17.03 6.77 -5.37
N ARG A 2 16.19 7.53 -6.07
CA ARG A 2 14.74 7.29 -6.17
C ARG A 2 14.39 6.12 -7.10
N LYS A 3 14.08 4.98 -6.51
CA LYS A 3 13.64 3.75 -7.22
C LYS A 3 12.20 3.80 -7.74
N HIS A 4 11.46 4.85 -7.39
CA HIS A 4 10.04 5.03 -7.69
C HIS A 4 9.79 5.53 -9.12
N LEU A 5 8.54 5.45 -9.57
CA LEU A 5 8.07 5.85 -10.92
C LEU A 5 6.55 6.12 -10.91
N GLY A 6 5.83 5.77 -11.97
CA GLY A 6 4.38 5.90 -12.10
C GLY A 6 3.94 4.77 -13.00
N GLY A 7 3.46 3.68 -12.40
CA GLY A 7 3.42 2.37 -13.04
C GLY A 7 3.13 1.24 -12.04
N CYS A 8 3.74 0.08 -12.22
CA CYS A 8 3.76 -1.05 -11.29
C CYS A 8 4.30 -0.73 -9.87
N TRP A 9 5.03 0.36 -9.70
CA TRP A 9 5.41 0.90 -8.38
C TRP A 9 4.19 1.21 -7.49
N LEU A 10 3.09 1.69 -8.07
CA LEU A 10 1.87 2.01 -7.34
C LEU A 10 1.25 0.78 -6.65
N ALA A 11 1.55 -0.44 -7.12
CA ALA A 11 1.10 -1.68 -6.50
C ALA A 11 1.62 -1.86 -5.06
N ILE A 12 2.77 -1.25 -4.70
CA ILE A 12 3.30 -1.22 -3.33
C ILE A 12 2.57 -0.18 -2.46
N VAL A 13 2.26 0.99 -3.05
CA VAL A 13 1.55 2.09 -2.39
C VAL A 13 0.07 1.80 -2.12
N CYS A 14 -0.62 1.24 -3.11
CA CYS A 14 -2.04 0.84 -3.04
C CYS A 14 -2.33 -0.05 -1.84
N VAL A 15 -1.58 -1.15 -1.73
CA VAL A 15 -1.80 -2.12 -0.66
C VAL A 15 -1.50 -1.57 0.73
N LEU A 16 -0.53 -0.65 0.86
CA LEU A 16 -0.33 0.11 2.10
C LEU A 16 -1.56 0.97 2.38
N LEU A 17 -2.06 1.67 1.35
CA LEU A 17 -3.11 2.69 1.52
C LEU A 17 -4.50 2.10 1.82
N PHE A 18 -4.72 0.82 1.51
CA PHE A 18 -5.87 0.07 2.04
C PHE A 18 -5.62 -0.76 3.30
N SER A 19 -4.43 -1.33 3.47
CA SER A 19 -4.06 -2.09 4.68
C SER A 19 -4.28 -1.30 5.98
N GLN A 20 -4.00 -0.01 5.94
CA GLN A 20 -4.10 0.90 7.10
C GLN A 20 -5.59 1.22 7.39
N LEU A 21 -6.35 1.51 6.34
CA LEU A 21 -7.82 1.60 6.32
C LEU A 21 -8.53 0.34 6.84
N SER A 22 -7.92 -0.84 6.67
CA SER A 22 -8.48 -2.13 7.10
C SER A 22 -8.28 -2.38 8.60
N SER A 23 -7.10 -2.01 9.12
CA SER A 23 -6.59 -2.50 10.42
C SER A 23 -7.39 -2.05 11.67
N VAL A 24 -8.37 -1.16 11.49
CA VAL A 24 -9.32 -0.68 12.50
C VAL A 24 -10.57 -1.55 12.62
N LYS A 25 -11.01 -2.15 11.51
CA LYS A 25 -12.13 -3.11 11.46
C LYS A 25 -11.68 -4.56 11.44
N ALA A 26 -10.38 -4.78 11.19
CA ALA A 26 -9.82 -6.06 10.76
C ALA A 26 -8.29 -6.13 11.02
N ARG A 27 -7.59 -7.09 10.42
CA ARG A 27 -6.12 -7.22 10.51
C ARG A 27 -5.41 -6.13 9.71
N GLY A 28 -5.70 -6.01 8.42
CA GLY A 28 -5.14 -4.96 7.54
C GLY A 28 -3.62 -5.10 7.37
N ILE A 29 -2.89 -4.12 7.91
CA ILE A 29 -1.42 -4.01 8.00
C ILE A 29 -0.71 -5.35 8.30
N LYS A 30 0.41 -5.60 7.62
CA LYS A 30 1.30 -6.76 7.81
C LYS A 30 2.76 -6.46 7.44
N MET A 1 19.91 7.72 -8.79
CA MET A 1 18.61 7.74 -9.52
C MET A 1 17.48 7.22 -8.64
N ARG A 2 16.25 7.71 -8.88
CA ARG A 2 15.05 7.46 -8.06
C ARG A 2 14.40 6.10 -8.33
N LYS A 3 14.03 5.42 -7.23
CA LYS A 3 13.32 4.13 -7.18
C LYS A 3 11.82 4.22 -7.44
N HIS A 4 11.23 5.35 -7.07
CA HIS A 4 9.79 5.63 -7.11
C HIS A 4 9.38 6.32 -8.42
N LEU A 5 8.17 6.01 -8.89
CA LEU A 5 7.57 6.52 -10.13
C LEU A 5 6.03 6.47 -10.01
N GLY A 6 5.32 5.88 -10.97
CA GLY A 6 3.85 5.76 -11.00
C GLY A 6 3.29 4.53 -11.73
N GLY A 7 4.17 3.69 -12.30
CA GLY A 7 3.85 2.39 -12.90
C GLY A 7 3.75 1.29 -11.83
N CYS A 8 4.31 0.10 -12.09
CA CYS A 8 4.31 -1.04 -11.16
C CYS A 8 4.83 -0.77 -9.74
N TRP A 9 5.61 0.30 -9.51
CA TRP A 9 5.93 0.80 -8.18
C TRP A 9 4.69 1.09 -7.31
N LEU A 10 3.66 1.67 -7.92
CA LEU A 10 2.48 2.16 -7.25
C LEU A 10 1.61 1.05 -6.63
N ALA A 11 1.74 -0.18 -7.13
CA ALA A 11 1.17 -1.37 -6.53
C ALA A 11 1.69 -1.63 -5.10
N ILE A 12 2.87 -1.10 -4.73
CA ILE A 12 3.38 -1.17 -3.35
C ILE A 12 2.64 -0.16 -2.46
N VAL A 13 2.42 1.06 -2.95
CA VAL A 13 1.64 2.08 -2.23
C VAL A 13 0.18 1.69 -2.05
N CYS A 14 -0.43 1.07 -3.07
CA CYS A 14 -1.81 0.57 -3.02
C CYS A 14 -2.07 -0.36 -1.84
N VAL A 15 -1.30 -1.43 -1.72
CA VAL A 15 -1.53 -2.43 -0.68
C VAL A 15 -1.29 -1.90 0.73
N LEU A 16 -0.33 -0.98 0.89
CA LEU A 16 -0.14 -0.26 2.14
C LEU A 16 -1.39 0.59 2.44
N LEU A 17 -1.89 1.31 1.44
CA LEU A 17 -2.90 2.36 1.66
C LEU A 17 -4.27 1.81 2.05
N PHE A 18 -4.64 0.62 1.56
CA PHE A 18 -5.92 0.01 1.93
C PHE A 18 -5.75 -0.88 3.17
N SER A 19 -4.58 -1.49 3.39
CA SER A 19 -4.31 -2.28 4.60
C SER A 19 -4.40 -1.44 5.88
N GLN A 20 -3.96 -0.18 5.81
CA GLN A 20 -4.00 0.79 6.92
C GLN A 20 -5.43 1.23 7.22
N LEU A 21 -6.19 1.57 6.17
CA LEU A 21 -7.65 1.78 6.19
C LEU A 21 -8.40 0.58 6.80
N SER A 22 -7.94 -0.64 6.55
CA SER A 22 -8.67 -1.85 6.92
C SER A 22 -8.33 -2.35 8.34
N SER A 23 -7.19 -1.94 8.92
CA SER A 23 -6.72 -2.41 10.25
C SER A 23 -7.70 -2.15 11.41
N VAL A 24 -8.67 -1.24 11.22
CA VAL A 24 -9.85 -1.09 12.06
C VAL A 24 -10.87 -2.20 11.89
N LYS A 25 -11.45 -2.37 10.70
CA LYS A 25 -12.53 -3.33 10.44
C LYS A 25 -12.07 -4.80 10.30
N ALA A 26 -10.77 -5.00 10.25
CA ALA A 26 -10.12 -6.26 9.86
C ALA A 26 -8.71 -6.38 10.47
N ARG A 27 -7.99 -7.48 10.19
CA ARG A 27 -6.56 -7.61 10.53
C ARG A 27 -5.69 -6.49 9.93
N GLY A 28 -5.84 -6.20 8.65
CA GLY A 28 -5.22 -5.08 7.95
C GLY A 28 -3.69 -5.20 7.84
N ILE A 29 -3.01 -4.20 8.38
CA ILE A 29 -1.55 -3.97 8.36
C ILE A 29 -0.73 -5.23 8.66
N LYS A 30 0.22 -5.53 7.77
CA LYS A 30 1.28 -6.54 7.92
C LYS A 30 2.57 -6.11 7.23
N MET A 1 17.06 1.76 -14.54
CA MET A 1 15.66 2.21 -14.49
C MET A 1 15.27 2.57 -13.07
N ARG A 2 14.70 3.76 -12.85
CA ARG A 2 14.31 4.24 -11.51
C ARG A 2 13.29 3.32 -10.81
N LYS A 3 13.38 3.20 -9.49
CA LYS A 3 12.46 2.42 -8.64
C LYS A 3 11.02 2.93 -8.65
N HIS A 4 10.88 4.23 -8.47
CA HIS A 4 9.61 4.98 -8.43
C HIS A 4 9.12 5.38 -9.84
N LEU A 5 8.65 4.39 -10.59
CA LEU A 5 7.97 4.56 -11.88
C LEU A 5 6.46 4.92 -11.72
N GLY A 6 5.60 4.49 -12.65
CA GLY A 6 4.19 4.90 -12.74
C GLY A 6 3.35 3.73 -13.24
N GLY A 7 3.34 2.67 -12.44
CA GLY A 7 2.94 1.32 -12.87
C GLY A 7 2.91 0.37 -11.69
N CYS A 8 3.54 -0.81 -11.81
CA CYS A 8 3.63 -1.81 -10.75
C CYS A 8 4.15 -1.27 -9.40
N TRP A 9 5.01 -0.25 -9.41
CA TRP A 9 5.47 0.45 -8.22
C TRP A 9 4.34 1.00 -7.32
N LEU A 10 3.26 1.51 -7.92
CA LEU A 10 2.13 2.07 -7.17
C LEU A 10 1.44 1.01 -6.29
N ALA A 11 1.51 -0.27 -6.66
CA ALA A 11 0.89 -1.36 -5.90
C ALA A 11 1.46 -1.47 -4.47
N ILE A 12 2.75 -1.16 -4.28
CA ILE A 12 3.44 -1.14 -2.97
C ILE A 12 2.89 -0.03 -2.07
N VAL A 13 2.68 1.16 -2.63
CA VAL A 13 2.13 2.34 -1.94
C VAL A 13 0.65 2.12 -1.61
N CYS A 14 -0.12 1.61 -2.57
CA CYS A 14 -1.53 1.31 -2.46
C CYS A 14 -1.86 0.31 -1.35
N VAL A 15 -1.22 -0.86 -1.36
CA VAL A 15 -1.50 -1.87 -0.35
C VAL A 15 -1.16 -1.44 1.06
N LEU A 16 -0.09 -0.66 1.21
CA LEU A 16 0.27 -0.03 2.48
C LEU A 16 -0.80 1.01 2.87
N LEU A 17 -1.35 1.76 1.91
CA LEU A 17 -2.35 2.80 2.21
C LEU A 17 -3.68 2.20 2.68
N PHE A 18 -4.16 1.11 2.05
CA PHE A 18 -5.46 0.53 2.40
C PHE A 18 -5.40 -0.43 3.58
N SER A 19 -4.28 -1.13 3.77
CA SER A 19 -4.07 -2.04 4.90
C SER A 19 -4.20 -1.34 6.25
N GLN A 20 -3.77 -0.08 6.33
CA GLN A 20 -3.78 0.75 7.54
C GLN A 20 -5.21 1.24 7.89
N LEU A 21 -5.96 1.66 6.87
CA LEU A 21 -7.40 1.92 6.90
C LEU A 21 -8.22 0.67 7.26
N SER A 22 -7.74 -0.50 6.87
CA SER A 22 -8.43 -1.78 7.04
C SER A 22 -8.27 -2.30 8.47
N SER A 23 -7.06 -2.20 9.04
CA SER A 23 -6.64 -2.92 10.26
C SER A 23 -7.36 -2.49 11.56
N VAL A 24 -8.34 -1.58 11.49
CA VAL A 24 -9.24 -1.19 12.56
C VAL A 24 -10.60 -1.89 12.48
N LYS A 25 -11.18 -1.98 11.27
CA LYS A 25 -12.48 -2.59 10.96
C LYS A 25 -12.37 -4.06 10.54
N ALA A 26 -11.14 -4.52 10.35
CA ALA A 26 -10.76 -5.79 9.72
C ALA A 26 -9.30 -6.13 10.06
N ARG A 27 -8.76 -7.21 9.45
CA ARG A 27 -7.37 -7.65 9.63
C ARG A 27 -6.35 -6.62 9.12
N GLY A 28 -6.52 -6.13 7.88
CA GLY A 28 -5.66 -5.08 7.31
C GLY A 28 -4.19 -5.53 7.19
N ILE A 29 -3.28 -4.73 7.75
CA ILE A 29 -1.81 -4.97 7.85
C ILE A 29 -1.46 -6.42 8.24
N LYS A 30 -0.86 -7.19 7.31
CA LYS A 30 -0.41 -8.58 7.56
C LYS A 30 1.00 -8.64 8.16
#